data_4O9K
#
_entry.id   4O9K
#
_cell.length_a   45.151
_cell.length_b   62.408
_cell.length_c   75.664
_cell.angle_alpha   90.000
_cell.angle_beta   90.000
_cell.angle_gamma   90.000
#
_symmetry.space_group_name_H-M   'P 21 21 21'
#
loop_
_entity.id
_entity.type
_entity.pdbx_description
1 polymer 'Arabinose 5-phosphate isomerase'
2 non-polymer "CYTIDINE 5'-MONOPHOSPHATE 3-DEOXY-BETA-D-GULO-OCT-2-ULO-PYRANOSONIC ACID"
3 non-polymer GLYCEROL
4 water water
#
_entity_poly.entity_id   1
_entity_poly.type   'polypeptide(L)'
_entity_poly.pdbx_seq_one_letter_code
;GRRLLTFVRDI(MSE)HTGDDTPVIGLEASVRDALLE(MSE)TAKKLG(MSE)TAIVDGAGTIQGVFTDGDLRRLLEKAQ
DIHATPITAV(MSE)TRSCVTVEGSLLAAEAVRI(MSE)EQKRINALPVVENGRLIGAIN(MSE)HDLLRAGVL
;
_entity_poly.pdbx_strand_id   A,B
#
# COMPACT_ATOMS: atom_id res chain seq x y z
N GLY A 1 -18.86 26.29 9.70
CA GLY A 1 -19.58 24.99 9.64
C GLY A 1 -19.00 24.14 8.52
N ARG A 2 -19.21 22.83 8.61
CA ARG A 2 -18.81 21.92 7.57
C ARG A 2 -19.37 22.43 6.22
N ARG A 3 -18.46 22.76 5.29
CA ARG A 3 -18.90 23.47 4.09
C ARG A 3 -19.86 22.66 3.21
N LEU A 4 -19.52 21.40 2.96
CA LEU A 4 -20.33 20.55 2.10
C LEU A 4 -20.00 19.12 2.43
N LEU A 5 -20.89 18.21 2.07
CA LEU A 5 -20.69 16.80 2.28
C LEU A 5 -19.87 16.22 1.15
N THR A 6 -18.92 15.36 1.49
CA THR A 6 -18.03 14.75 0.50
C THR A 6 -18.35 13.28 0.31
N PHE A 7 -18.78 12.90 -0.90
CA PHE A 7 -19.06 11.50 -1.17
C PHE A 7 -17.91 10.91 -1.97
N VAL A 8 -17.83 9.58 -1.94
CA VAL A 8 -16.80 8.88 -2.68
C VAL A 8 -16.82 9.26 -4.17
N ARG A 9 -17.99 9.36 -4.77
CA ARG A 9 -18.08 9.67 -6.17
C ARG A 9 -17.48 11.05 -6.50
N ASP A 10 -17.44 11.95 -5.54
CA ASP A 10 -16.93 13.31 -5.77
C ASP A 10 -15.40 13.33 -6.04
N ILE A 11 -14.69 12.35 -5.50
CA ILE A 11 -13.20 12.35 -5.51
C ILE A 11 -12.58 11.08 -6.13
N HIS A 13 -11.42 8.22 -9.01
CA HIS A 13 -10.80 8.24 -10.29
C HIS A 13 -11.67 7.46 -11.24
N THR A 14 -11.95 8.06 -12.37
CA THR A 14 -12.91 7.56 -13.28
C THR A 14 -12.29 7.54 -14.69
N GLY A 15 -13.12 7.09 -15.63
CA GLY A 15 -12.77 7.06 -17.03
C GLY A 15 -11.52 6.23 -17.27
N ASP A 16 -10.65 6.78 -18.08
CA ASP A 16 -9.38 6.17 -18.35
C ASP A 16 -8.43 6.21 -17.15
N ASP A 17 -8.71 6.94 -16.09
CA ASP A 17 -7.88 6.82 -14.90
C ASP A 17 -8.28 5.68 -13.98
N THR A 18 -9.34 4.94 -14.31
CA THR A 18 -9.70 3.81 -13.47
C THR A 18 -8.74 2.64 -13.78
N PRO A 19 -8.13 2.03 -12.76
CA PRO A 19 -7.27 0.86 -13.08
C PRO A 19 -8.13 -0.38 -13.26
N VAL A 20 -8.13 -0.89 -14.48
CA VAL A 20 -9.00 -2.00 -14.80
C VAL A 20 -8.43 -2.86 -15.92
N ILE A 21 -8.47 -4.17 -15.69
CA ILE A 21 -8.14 -5.15 -16.70
C ILE A 21 -9.23 -6.20 -16.79
N GLY A 22 -9.24 -6.97 -17.87
CA GLY A 22 -10.17 -8.07 -18.03
C GLY A 22 -9.69 -9.42 -17.55
N LEU A 23 -10.64 -10.33 -17.54
CA LEU A 23 -10.44 -11.68 -17.09
C LEU A 23 -9.34 -12.45 -17.84
N GLU A 24 -9.04 -12.02 -19.07
CA GLU A 24 -8.02 -12.66 -19.85
C GLU A 24 -6.64 -12.13 -19.59
N ALA A 25 -6.50 -11.15 -18.71
CA ALA A 25 -5.22 -10.50 -18.53
C ALA A 25 -4.21 -11.37 -17.77
N SER A 26 -2.95 -11.07 -17.93
CA SER A 26 -1.88 -11.67 -17.21
C SER A 26 -1.47 -10.82 -16.01
N VAL A 27 -0.61 -11.39 -15.19
CA VAL A 27 -0.01 -10.61 -14.10
C VAL A 27 0.82 -9.45 -14.67
N ARG A 28 1.53 -9.68 -15.74
CA ARG A 28 2.29 -8.61 -16.40
C ARG A 28 1.37 -7.45 -16.77
N ASP A 29 0.21 -7.74 -17.35
CA ASP A 29 -0.79 -6.74 -17.71
C ASP A 29 -1.25 -5.99 -16.47
N ALA A 30 -1.44 -6.74 -15.38
CA ALA A 30 -1.87 -6.13 -14.12
C ALA A 30 -0.84 -5.13 -13.59
N LEU A 31 0.44 -5.50 -13.70
CA LEU A 31 1.51 -4.64 -13.20
C LEU A 31 1.53 -3.37 -13.95
N LEU A 32 1.39 -3.48 -15.26
CA LEU A 32 1.47 -2.29 -16.10
C LEU A 32 0.30 -1.31 -15.81
N GLU A 33 -0.88 -1.84 -15.63
CA GLU A 33 -2.06 -1.08 -15.33
C GLU A 33 -1.97 -0.45 -13.95
N THR A 35 0.70 0.29 -12.28
CA THR A 35 1.70 1.35 -12.36
C THR A 35 1.11 2.58 -13.07
N ALA A 36 0.41 2.37 -14.18
CA ALA A 36 -0.10 3.48 -14.98
C ALA A 36 -1.13 4.38 -14.24
N LYS A 37 -1.98 3.76 -13.41
CA LYS A 37 -3.07 4.50 -12.72
C LYS A 37 -2.74 4.95 -11.28
N LYS A 38 -1.54 4.59 -10.79
CA LYS A 38 -0.97 5.18 -9.59
C LYS A 38 -1.77 4.93 -8.29
N LEU A 39 -2.61 3.89 -8.25
CA LEU A 39 -3.41 3.58 -7.03
C LEU A 39 -2.94 2.38 -6.24
N GLY A 40 -1.91 1.68 -6.71
CA GLY A 40 -1.37 0.48 -6.02
C GLY A 40 -2.19 -0.81 -6.19
N THR A 42 -5.34 -2.83 -9.14
CA THR A 42 -6.23 -2.83 -10.30
C THR A 42 -7.43 -3.64 -9.99
N ALA A 43 -8.54 -3.25 -10.56
CA ALA A 43 -9.74 -4.06 -10.60
C ALA A 43 -9.65 -5.00 -11.80
N ILE A 44 -10.37 -6.11 -11.73
CA ILE A 44 -10.57 -7.01 -12.85
C ILE A 44 -12.08 -7.08 -13.08
N VAL A 45 -12.48 -6.91 -14.32
CA VAL A 45 -13.89 -6.97 -14.66
C VAL A 45 -14.15 -8.03 -15.75
N ASP A 46 -15.39 -8.50 -15.82
CA ASP A 46 -15.78 -9.44 -16.88
C ASP A 46 -16.15 -8.64 -18.10
N GLY A 47 -16.60 -9.35 -19.13
CA GLY A 47 -16.94 -8.75 -20.41
C GLY A 47 -18.03 -7.71 -20.30
N ALA A 48 -18.92 -7.86 -19.33
CA ALA A 48 -20.03 -6.89 -19.08
C ALA A 48 -19.60 -5.66 -18.25
N GLY A 49 -18.37 -5.64 -17.74
CA GLY A 49 -17.87 -4.49 -16.95
C GLY A 49 -18.17 -4.64 -15.46
N THR A 50 -18.63 -5.83 -15.09
CA THR A 50 -18.93 -6.15 -13.73
C THR A 50 -17.65 -6.57 -13.01
N ILE A 51 -17.46 -6.04 -11.84
CA ILE A 51 -16.25 -6.34 -11.05
C ILE A 51 -16.20 -7.83 -10.62
N GLN A 52 -15.07 -8.48 -10.88
CA GLN A 52 -14.81 -9.86 -10.51
C GLN A 52 -13.73 -10.05 -9.44
N GLY A 53 -12.93 -9.01 -9.25
CA GLY A 53 -11.86 -9.12 -8.30
C GLY A 53 -10.99 -7.88 -8.30
N VAL A 54 -10.04 -7.89 -7.37
CA VAL A 54 -8.94 -6.90 -7.37
C VAL A 54 -7.60 -7.63 -7.19
N PHE A 55 -6.52 -6.92 -7.52
CA PHE A 55 -5.18 -7.42 -7.30
C PHE A 55 -4.38 -6.18 -6.83
N THR A 56 -3.76 -6.30 -5.65
CA THR A 56 -2.99 -5.23 -5.05
C THR A 56 -1.50 -5.53 -5.03
N ASP A 57 -0.72 -4.50 -4.75
CA ASP A 57 0.67 -4.67 -4.51
C ASP A 57 0.94 -5.69 -3.40
N GLY A 58 0.17 -5.65 -2.31
CA GLY A 58 0.32 -6.71 -1.30
C GLY A 58 0.06 -8.13 -1.83
N ASP A 59 -0.94 -8.25 -2.73
CA ASP A 59 -1.19 -9.51 -3.39
C ASP A 59 0.01 -10.02 -4.23
N LEU A 60 0.70 -9.09 -4.85
CA LEU A 60 1.92 -9.43 -5.57
C LEU A 60 2.98 -9.98 -4.64
N ARG A 61 3.17 -9.33 -3.48
CA ARG A 61 4.15 -9.87 -2.52
C ARG A 61 3.78 -11.30 -2.14
N ARG A 62 2.51 -11.52 -1.82
CA ARG A 62 2.13 -12.82 -1.40
C ARG A 62 2.33 -13.83 -2.51
N LEU A 63 2.14 -13.42 -3.75
CA LEU A 63 2.36 -14.32 -4.88
C LEU A 63 3.83 -14.69 -5.01
N LEU A 64 4.69 -13.68 -4.84
CA LEU A 64 6.12 -13.89 -5.00
C LEU A 64 6.71 -14.72 -3.89
N GLU A 65 5.98 -14.86 -2.77
CA GLU A 65 6.42 -15.85 -1.76
C GLU A 65 6.20 -17.27 -2.18
N LYS A 66 5.34 -17.52 -3.15
CA LYS A 66 5.07 -18.89 -3.57
C LYS A 66 5.34 -19.23 -5.04
N ALA A 67 5.70 -18.25 -5.88
CA ALA A 67 5.85 -18.52 -7.30
C ALA A 67 6.97 -17.66 -7.85
N GLN A 68 7.60 -18.13 -8.93
CA GLN A 68 8.63 -17.40 -9.66
C GLN A 68 8.12 -17.28 -11.09
N ASP A 69 8.71 -16.42 -11.91
CA ASP A 69 8.33 -16.35 -13.32
C ASP A 69 6.83 -16.12 -13.57
N ILE A 70 6.30 -15.05 -13.03
CA ILE A 70 4.87 -14.90 -12.92
C ILE A 70 4.28 -14.06 -14.03
N HIS A 71 5.11 -13.51 -14.92
CA HIS A 71 4.58 -12.53 -15.90
C HIS A 71 3.40 -13.05 -16.78
N ALA A 72 3.42 -14.33 -17.17
CA ALA A 72 2.36 -14.92 -17.98
C ALA A 72 1.22 -15.56 -17.17
N THR A 73 1.29 -15.51 -15.84
CA THR A 73 0.29 -16.16 -14.99
C THR A 73 -1.04 -15.45 -15.19
N PRO A 74 -2.13 -16.20 -15.43
CA PRO A 74 -3.43 -15.51 -15.54
C PRO A 74 -3.84 -14.76 -14.25
N ILE A 75 -4.37 -13.56 -14.42
CA ILE A 75 -4.77 -12.77 -13.28
C ILE A 75 -5.80 -13.50 -12.46
N THR A 76 -6.59 -14.32 -13.10
CA THR A 76 -7.66 -15.02 -12.39
C THR A 76 -7.12 -16.03 -11.39
N ALA A 77 -5.93 -16.55 -11.63
CA ALA A 77 -5.33 -17.50 -10.72
C ALA A 77 -4.86 -16.88 -9.40
N VAL A 78 -4.67 -15.56 -9.37
CA VAL A 78 -4.05 -14.89 -8.20
C VAL A 78 -4.82 -13.71 -7.58
N THR A 80 -7.95 -11.42 -5.88
CA THR A 80 -8.93 -11.57 -4.80
C THR A 80 -10.30 -11.42 -5.38
N ARG A 81 -11.03 -12.53 -5.42
CA ARG A 81 -12.43 -12.49 -5.90
C ARG A 81 -13.43 -11.87 -4.94
N SER A 82 -13.29 -12.12 -3.63
CA SER A 82 -14.32 -11.59 -2.72
C SER A 82 -13.87 -10.24 -2.23
N CYS A 83 -13.84 -9.30 -3.16
CA CYS A 83 -13.21 -8.02 -2.90
C CYS A 83 -14.26 -7.06 -2.25
N VAL A 84 -13.74 -6.02 -1.62
CA VAL A 84 -14.57 -5.00 -1.00
C VAL A 84 -14.86 -3.90 -2.00
N THR A 85 -16.12 -3.53 -2.16
CA THR A 85 -16.49 -2.48 -3.08
C THR A 85 -17.38 -1.51 -2.31
N VAL A 86 -17.51 -0.28 -2.82
CA VAL A 86 -18.44 0.67 -2.26
C VAL A 86 -19.28 1.31 -3.35
N GLU A 87 -20.39 1.90 -2.95
CA GLU A 87 -21.18 2.72 -3.87
C GLU A 87 -20.67 4.15 -3.88
N GLY A 88 -20.90 4.85 -4.98
CA GLY A 88 -20.51 6.24 -5.09
C GLY A 88 -21.19 7.17 -4.09
N SER A 89 -22.34 6.75 -3.58
CA SER A 89 -23.11 7.49 -2.61
C SER A 89 -22.61 7.32 -1.18
N LEU A 90 -21.59 6.52 -0.96
CA LEU A 90 -20.98 6.42 0.35
C LEU A 90 -20.26 7.73 0.70
N LEU A 91 -20.37 8.19 1.94
CA LEU A 91 -19.54 9.32 2.40
C LEU A 91 -18.09 8.93 2.44
N ALA A 92 -17.22 9.83 2.09
CA ALA A 92 -15.78 9.62 2.24
C ALA A 92 -15.38 9.20 3.69
N ALA A 93 -16.06 9.78 4.66
CA ALA A 93 -15.86 9.48 6.05
C ALA A 93 -16.20 8.03 6.37
N GLU A 94 -17.24 7.51 5.74
CA GLU A 94 -17.56 6.10 5.82
C GLU A 94 -16.48 5.20 5.17
N ALA A 95 -15.97 5.65 4.04
CA ALA A 95 -15.00 4.88 3.32
C ALA A 95 -13.71 4.69 4.14
N VAL A 96 -13.30 5.73 4.83
CA VAL A 96 -12.03 5.64 5.55
CA VAL A 96 -12.03 5.65 5.59
C VAL A 96 -12.19 4.60 6.68
N ARG A 97 -13.38 4.55 7.25
CA ARG A 97 -13.68 3.56 8.29
C ARG A 97 -13.58 2.13 7.74
N ILE A 98 -14.10 1.93 6.53
CA ILE A 98 -14.05 0.65 5.85
C ILE A 98 -12.57 0.22 5.62
N GLU A 100 -10.03 1.05 7.32
CA GLU A 100 -9.44 0.68 8.60
C GLU A 100 -9.92 -0.69 9.10
N GLN A 101 -11.23 -0.89 9.04
CA GLN A 101 -11.83 -2.12 9.54
C GLN A 101 -11.43 -3.33 8.71
N LYS A 102 -11.33 -3.16 7.41
CA LYS A 102 -11.02 -4.28 6.50
C LYS A 102 -9.50 -4.43 6.23
N ARG A 103 -8.69 -3.48 6.71
CA ARG A 103 -7.25 -3.49 6.56
C ARG A 103 -6.85 -3.44 5.07
N ILE A 104 -7.44 -2.51 4.33
CA ILE A 104 -7.16 -2.37 2.91
C ILE A 104 -6.85 -0.91 2.62
N ASN A 105 -6.44 -0.65 1.38
CA ASN A 105 -5.92 0.63 0.96
C ASN A 105 -6.60 1.28 -0.22
N ALA A 106 -7.52 0.59 -0.86
CA ALA A 106 -8.20 1.17 -1.99
C ALA A 106 -9.52 0.45 -2.20
N LEU A 107 -10.42 1.16 -2.87
CA LEU A 107 -11.78 0.67 -3.06
C LEU A 107 -12.21 0.89 -4.48
N PRO A 108 -12.62 -0.18 -5.16
CA PRO A 108 -13.42 0.01 -6.37
C PRO A 108 -14.79 0.56 -5.98
N VAL A 109 -15.26 1.49 -6.80
CA VAL A 109 -16.58 2.08 -6.67
C VAL A 109 -17.48 1.51 -7.78
N VAL A 110 -18.65 1.07 -7.38
CA VAL A 110 -19.54 0.34 -8.27
C VAL A 110 -20.96 0.89 -8.21
N GLU A 111 -21.70 0.59 -9.27
CA GLU A 111 -23.15 0.76 -9.34
C GLU A 111 -23.69 -0.50 -9.94
N ASN A 112 -24.53 -1.21 -9.21
CA ASN A 112 -25.10 -2.46 -9.66
C ASN A 112 -24.03 -3.45 -10.15
N GLY A 113 -22.94 -3.56 -9.41
CA GLY A 113 -21.80 -4.42 -9.83
C GLY A 113 -20.91 -3.83 -10.91
N ARG A 114 -21.43 -2.84 -11.66
CA ARG A 114 -20.69 -2.25 -12.75
C ARG A 114 -19.63 -1.26 -12.17
N LEU A 115 -18.37 -1.49 -12.53
CA LEU A 115 -17.30 -0.63 -12.06
C LEU A 115 -17.45 0.80 -12.62
N ILE A 116 -17.46 1.81 -11.74
CA ILE A 116 -17.51 3.21 -12.19
C ILE A 116 -16.32 4.07 -11.78
N GLY A 117 -15.44 3.54 -10.91
CA GLY A 117 -14.23 4.27 -10.57
C GLY A 117 -13.50 3.61 -9.42
N ALA A 118 -12.49 4.30 -8.90
CA ALA A 118 -11.72 3.78 -7.79
C ALA A 118 -11.18 4.90 -6.96
N ILE A 119 -11.01 4.61 -5.68
CA ILE A 119 -10.30 5.54 -4.82
C ILE A 119 -9.28 4.78 -3.99
N ASN A 120 -8.31 5.52 -3.46
CA ASN A 120 -7.44 4.92 -2.46
C ASN A 120 -7.30 5.83 -1.22
N HIS A 122 -5.03 7.76 -0.16
CA HIS A 122 -4.53 9.13 -0.40
C HIS A 122 -5.62 10.06 -0.88
N ASP A 123 -6.60 9.53 -1.61
CA ASP A 123 -7.76 10.37 -1.99
C ASP A 123 -8.54 10.84 -0.74
N LEU A 124 -8.65 9.96 0.23
CA LEU A 124 -9.40 10.32 1.42
C LEU A 124 -8.68 11.27 2.36
N LEU A 125 -7.35 11.26 2.29
CA LEU A 125 -6.49 12.16 3.08
C LEU A 125 -6.29 13.52 2.49
N ARG A 126 -6.82 13.79 1.29
CA ARG A 126 -6.74 15.12 0.70
C ARG A 126 -7.30 16.16 1.59
N ALA A 127 -6.71 17.35 1.54
CA ALA A 127 -7.20 18.49 2.31
C ALA A 127 -8.70 18.73 2.11
N GLY A 128 -9.35 18.88 3.25
CA GLY A 128 -10.74 19.24 3.33
C GLY A 128 -11.71 18.08 3.21
N VAL A 129 -11.22 16.88 2.92
CA VAL A 129 -12.12 15.74 2.70
C VAL A 129 -12.68 15.27 4.01
N LEU A 130 -11.83 14.87 4.95
CA LEU A 130 -12.31 14.41 6.23
C LEU A 130 -12.56 15.56 7.21
N ARG B 3 -3.35 4.60 26.17
CA ARG B 3 -4.08 5.86 26.63
C ARG B 3 -3.42 7.09 26.02
N LEU B 4 -2.08 7.19 26.11
CA LEU B 4 -1.29 8.33 25.53
C LEU B 4 -0.93 8.05 24.07
N LEU B 5 -1.42 8.88 23.16
CA LEU B 5 -1.33 8.59 21.74
C LEU B 5 -1.06 9.89 20.96
N THR B 6 -0.14 10.68 21.47
CA THR B 6 0.17 12.00 20.93
C THR B 6 1.21 11.94 19.79
N PHE B 7 2.26 11.15 20.00
CA PHE B 7 3.40 11.17 19.15
C PHE B 7 3.59 9.86 18.41
N VAL B 8 4.43 9.91 17.39
CA VAL B 8 4.64 8.75 16.58
C VAL B 8 5.18 7.59 17.50
N ARG B 9 6.06 7.95 18.41
CA ARG B 9 6.69 6.96 19.25
C ARG B 9 5.63 6.21 20.10
N ASP B 10 4.54 6.88 20.41
CA ASP B 10 3.41 6.30 21.14
C ASP B 10 2.65 5.18 20.37
N ILE B 11 2.63 5.29 19.07
CA ILE B 11 1.76 4.52 18.18
C ILE B 11 2.53 3.53 17.30
N HIS B 13 4.96 0.67 15.67
CA HIS B 13 5.48 -0.66 15.97
C HIS B 13 6.91 -0.47 16.33
N THR B 14 7.34 -1.11 17.39
CA THR B 14 8.66 -0.99 17.85
C THR B 14 9.28 -2.34 18.23
N GLY B 15 10.57 -2.31 18.57
CA GLY B 15 11.27 -3.52 18.97
C GLY B 15 11.12 -4.58 17.92
N ASP B 16 10.79 -5.76 18.37
CA ASP B 16 10.70 -6.93 17.48
C ASP B 16 9.53 -6.89 16.54
N ASP B 17 8.59 -5.95 16.75
CA ASP B 17 7.52 -5.74 15.79
C ASP B 17 7.88 -4.84 14.63
N THR B 18 9.13 -4.38 14.56
CA THR B 18 9.58 -3.51 13.48
C THR B 18 10.02 -4.35 12.28
N PRO B 19 9.58 -3.99 11.06
CA PRO B 19 10.11 -4.78 9.95
C PRO B 19 11.46 -4.30 9.57
N VAL B 20 12.45 -5.16 9.72
CA VAL B 20 13.84 -4.74 9.45
C VAL B 20 14.72 -5.93 9.05
N ILE B 21 15.51 -5.70 8.01
CA ILE B 21 16.51 -6.67 7.59
C ILE B 21 17.87 -5.95 7.44
N GLY B 22 18.97 -6.72 7.45
CA GLY B 22 20.28 -6.15 7.31
C GLY B 22 20.65 -5.94 5.87
N LEU B 23 21.70 -5.15 5.68
CA LEU B 23 22.28 -4.84 4.41
C LEU B 23 22.62 -6.02 3.55
N GLU B 24 22.93 -7.14 4.17
CA GLU B 24 23.34 -8.32 3.45
C GLU B 24 22.13 -9.12 2.97
N ALA B 25 20.90 -8.74 3.30
CA ALA B 25 19.73 -9.60 3.02
C ALA B 25 19.41 -9.69 1.52
N SER B 26 18.61 -10.68 1.12
CA SER B 26 18.14 -10.81 -0.22
C SER B 26 16.68 -10.34 -0.30
N VAL B 27 16.17 -10.27 -1.52
CA VAL B 27 14.77 -9.93 -1.72
C VAL B 27 13.86 -11.00 -1.06
N ARG B 28 14.24 -12.28 -1.09
CA ARG B 28 13.48 -13.32 -0.39
C ARG B 28 13.31 -13.01 1.11
N ASP B 29 14.40 -12.57 1.73
CA ASP B 29 14.41 -12.18 3.14
C ASP B 29 13.46 -10.99 3.35
N ALA B 30 13.49 -10.06 2.41
CA ALA B 30 12.62 -8.88 2.49
C ALA B 30 11.14 -9.26 2.41
N LEU B 31 10.82 -10.17 1.48
CA LEU B 31 9.42 -10.60 1.39
C LEU B 31 8.92 -11.20 2.70
N LEU B 32 9.72 -12.07 3.32
CA LEU B 32 9.30 -12.74 4.50
C LEU B 32 9.06 -11.72 5.59
N GLU B 33 10.00 -10.78 5.72
CA GLU B 33 9.89 -9.81 6.78
C GLU B 33 8.70 -8.85 6.57
N THR B 35 5.94 -9.49 4.97
CA THR B 35 4.76 -10.23 5.36
C THR B 35 4.60 -10.36 6.85
N ALA B 36 5.68 -10.77 7.52
CA ALA B 36 5.58 -11.06 8.96
C ALA B 36 5.08 -9.83 9.79
N LYS B 37 5.53 -8.63 9.42
CA LYS B 37 5.25 -7.43 10.27
C LYS B 37 4.05 -6.58 9.79
N LYS B 38 3.45 -6.98 8.67
CA LYS B 38 2.12 -6.52 8.25
C LYS B 38 2.05 -5.04 7.87
N LEU B 39 3.18 -4.42 7.55
CA LEU B 39 3.23 -3.02 7.16
C LEU B 39 3.44 -2.73 5.67
N GLY B 40 3.52 -3.78 4.87
CA GLY B 40 3.71 -3.62 3.41
C GLY B 40 5.08 -3.08 3.02
N THR B 42 9.62 -3.06 4.42
CA THR B 42 10.67 -3.30 5.43
C THR B 42 11.71 -2.20 5.34
N ALA B 43 12.35 -1.93 6.48
CA ALA B 43 13.55 -1.12 6.50
C ALA B 43 14.77 -2.00 6.31
N ILE B 44 15.85 -1.40 5.83
CA ILE B 44 17.14 -2.05 5.77
C ILE B 44 18.09 -1.20 6.62
N VAL B 45 18.85 -1.88 7.51
CA VAL B 45 19.78 -1.25 8.38
C VAL B 45 21.16 -1.83 8.19
N ASP B 46 22.17 -1.05 8.58
CA ASP B 46 23.52 -1.63 8.63
C ASP B 46 23.68 -2.39 9.98
N GLY B 47 24.87 -2.90 10.23
CA GLY B 47 25.12 -3.72 11.40
C GLY B 47 24.90 -2.95 12.70
N ALA B 48 25.12 -1.63 12.62
CA ALA B 48 24.97 -0.78 13.76
C ALA B 48 23.51 -0.40 14.03
N GLY B 49 22.61 -0.80 13.15
CA GLY B 49 21.19 -0.49 13.31
C GLY B 49 20.81 0.83 12.65
N THR B 50 21.68 1.40 11.87
CA THR B 50 21.41 2.67 11.15
C THR B 50 20.66 2.39 9.87
N ILE B 51 19.63 3.17 9.61
CA ILE B 51 18.82 2.97 8.44
C ILE B 51 19.59 3.30 7.15
N GLN B 52 19.47 2.41 6.17
CA GLN B 52 20.12 2.55 4.87
C GLN B 52 19.12 2.65 3.74
N GLY B 53 17.90 2.22 3.97
CA GLY B 53 16.90 2.26 2.88
C GLY B 53 15.62 1.64 3.33
N VAL B 54 14.62 1.72 2.45
CA VAL B 54 13.40 0.97 2.62
C VAL B 54 13.08 0.25 1.32
N PHE B 55 12.18 -0.72 1.42
CA PHE B 55 11.65 -1.42 0.28
C PHE B 55 10.17 -1.72 0.56
N THR B 56 9.30 -1.22 -0.30
CA THR B 56 7.86 -1.36 -0.18
C THR B 56 7.26 -2.33 -1.18
N ASP B 57 6.00 -2.65 -0.97
CA ASP B 57 5.22 -3.43 -1.91
C ASP B 57 5.16 -2.73 -3.30
N GLY B 58 5.02 -1.39 -3.32
CA GLY B 58 5.05 -0.66 -4.61
C GLY B 58 6.41 -0.82 -5.29
N ASP B 59 7.50 -0.80 -4.50
CA ASP B 59 8.86 -1.07 -5.06
C ASP B 59 8.98 -2.45 -5.71
N LEU B 60 8.30 -3.40 -5.10
CA LEU B 60 8.29 -4.74 -5.64
C LEU B 60 7.57 -4.81 -6.98
N ARG B 61 6.42 -4.14 -7.12
CA ARG B 61 5.75 -4.01 -8.45
C ARG B 61 6.71 -3.42 -9.47
N ARG B 62 7.36 -2.33 -9.12
CA ARG B 62 8.20 -1.67 -10.07
C ARG B 62 9.37 -2.56 -10.40
N LEU B 63 9.85 -3.34 -9.45
CA LEU B 63 10.95 -4.23 -9.72
C LEU B 63 10.52 -5.33 -10.70
N LEU B 64 9.34 -5.89 -10.47
CA LEU B 64 8.83 -6.98 -11.30
CA LEU B 64 8.88 -6.97 -11.30
C LEU B 64 8.52 -6.52 -12.69
N GLU B 65 8.42 -5.20 -12.91
CA GLU B 65 8.27 -4.76 -14.27
C GLU B 65 9.56 -4.85 -15.08
N LYS B 66 10.71 -4.92 -14.42
CA LYS B 66 12.02 -4.99 -15.10
C LYS B 66 12.94 -6.18 -14.67
N ALA B 67 12.42 -7.08 -13.84
CA ALA B 67 13.15 -8.23 -13.36
C ALA B 67 12.24 -9.40 -13.19
N GLN B 68 12.82 -10.57 -13.15
CA GLN B 68 12.09 -11.81 -13.06
C GLN B 68 12.93 -12.69 -12.11
N ASP B 69 12.36 -13.60 -11.35
CA ASP B 69 13.29 -14.39 -10.50
C ASP B 69 14.21 -13.43 -9.71
N ILE B 70 13.61 -12.94 -8.65
CA ILE B 70 14.24 -11.93 -7.88
C ILE B 70 14.62 -12.43 -6.50
N HIS B 71 14.29 -13.66 -6.16
CA HIS B 71 14.50 -14.07 -4.75
C HIS B 71 15.94 -13.90 -4.24
N ALA B 72 16.93 -14.17 -5.10
CA ALA B 72 18.35 -14.15 -4.67
C ALA B 72 19.03 -12.79 -4.81
N THR B 73 18.29 -11.80 -5.29
CA THR B 73 18.84 -10.48 -5.56
C THR B 73 19.16 -9.78 -4.26
N PRO B 74 20.34 -9.13 -4.16
CA PRO B 74 20.61 -8.40 -2.88
C PRO B 74 19.67 -7.23 -2.68
N ILE B 75 19.24 -7.02 -1.43
CA ILE B 75 18.27 -5.94 -1.17
C ILE B 75 18.86 -4.58 -1.48
N THR B 76 20.17 -4.45 -1.40
CA THR B 76 20.81 -3.16 -1.65
C THR B 76 20.64 -2.73 -3.09
N ALA B 77 20.50 -3.70 -4.01
CA ALA B 77 20.41 -3.40 -5.43
C ALA B 77 19.03 -2.79 -5.80
N VAL B 78 18.02 -2.97 -4.94
CA VAL B 78 16.64 -2.58 -5.30
C VAL B 78 15.94 -1.67 -4.30
N THR B 80 15.08 1.55 -1.90
CA THR B 80 15.14 3.01 -1.95
C THR B 80 16.10 3.54 -0.86
N ARG B 81 17.25 4.06 -1.27
CA ARG B 81 18.27 4.57 -0.34
C ARG B 81 17.96 5.92 0.23
N SER B 82 17.41 6.83 -0.55
CA SER B 82 17.18 8.15 0.00
C SER B 82 15.74 8.16 0.54
N CYS B 83 15.50 7.42 1.61
CA CYS B 83 14.12 7.18 2.09
C CYS B 83 13.67 8.28 3.06
N VAL B 84 12.36 8.40 3.27
CA VAL B 84 11.82 9.39 4.20
C VAL B 84 11.77 8.76 5.58
N THR B 85 12.35 9.43 6.56
CA THR B 85 12.28 8.96 7.94
C THR B 85 11.70 10.06 8.86
N VAL B 86 11.26 9.64 10.05
CA VAL B 86 10.75 10.59 11.03
C VAL B 86 11.35 10.25 12.37
N GLU B 87 11.42 11.25 13.26
CA GLU B 87 11.75 10.99 14.64
C GLU B 87 10.53 10.62 15.46
N GLY B 88 10.75 9.93 16.58
CA GLY B 88 9.66 9.50 17.45
C GLY B 88 8.88 10.65 18.04
N SER B 89 9.52 11.83 18.12
CA SER B 89 8.95 13.00 18.68
C SER B 89 7.97 13.72 17.73
N LEU B 90 7.81 13.22 16.51
CA LEU B 90 6.82 13.78 15.58
C LEU B 90 5.42 13.59 16.10
N LEU B 91 4.58 14.63 16.09
CA LEU B 91 3.16 14.42 16.41
C LEU B 91 2.56 13.41 15.42
N ALA B 92 1.67 12.58 15.93
CA ALA B 92 1.01 11.56 15.11
C ALA B 92 0.24 12.18 13.94
N ALA B 93 -0.43 13.31 14.20
CA ALA B 93 -1.16 13.99 13.13
C ALA B 93 -0.21 14.47 12.03
N GLU B 94 1.01 14.84 12.40
CA GLU B 94 2.01 15.28 11.48
C GLU B 94 2.53 14.12 10.62
N ALA B 95 2.59 12.91 11.17
CA ALA B 95 2.94 11.76 10.31
C ALA B 95 1.91 11.54 9.21
N VAL B 96 0.65 11.82 9.51
CA VAL B 96 -0.37 11.69 8.48
C VAL B 96 -0.10 12.69 7.35
N ARG B 97 0.23 13.92 7.77
CA ARG B 97 0.44 15.00 6.83
C ARG B 97 1.62 14.70 5.90
N ILE B 98 2.70 14.16 6.44
CA ILE B 98 3.84 13.71 5.64
C ILE B 98 3.53 12.62 4.62
N GLU B 100 0.62 11.99 3.33
CA GLU B 100 -0.21 12.53 2.28
C GLU B 100 0.58 13.36 1.27
N GLN B 101 1.39 14.25 1.80
CA GLN B 101 2.09 15.19 0.95
C GLN B 101 3.10 14.45 0.10
N LYS B 102 3.75 13.43 0.67
CA LYS B 102 4.80 12.68 -0.05
C LYS B 102 4.28 11.46 -0.85
N ARG B 103 3.00 11.15 -0.65
CA ARG B 103 2.38 10.03 -1.31
C ARG B 103 3.13 8.74 -0.99
N ILE B 104 3.31 8.51 0.32
CA ILE B 104 3.93 7.30 0.80
C ILE B 104 3.00 6.75 1.84
N ASN B 105 3.26 5.52 2.25
CA ASN B 105 2.37 4.74 3.07
C ASN B 105 2.91 4.24 4.41
N ALA B 106 4.20 4.40 4.64
CA ALA B 106 4.73 4.01 5.93
C ALA B 106 6.02 4.81 6.17
N LEU B 107 6.39 4.89 7.43
CA LEU B 107 7.56 5.65 7.82
C LEU B 107 8.39 4.86 8.80
N PRO B 108 9.67 4.71 8.50
CA PRO B 108 10.59 4.25 9.54
C PRO B 108 10.76 5.40 10.50
N VAL B 109 10.82 5.04 11.79
CA VAL B 109 11.08 5.96 12.84
C VAL B 109 12.51 5.78 13.30
N VAL B 110 13.21 6.90 13.46
CA VAL B 110 14.61 6.88 13.82
C VAL B 110 14.93 7.83 14.95
N GLU B 111 16.10 7.62 15.54
CA GLU B 111 16.82 8.63 16.34
C GLU B 111 18.23 8.79 15.78
N ASN B 112 18.48 9.91 15.13
CA ASN B 112 19.77 10.12 14.46
C ASN B 112 20.19 8.95 13.60
N GLY B 113 19.29 8.53 12.73
CA GLY B 113 19.59 7.42 11.82
C GLY B 113 19.46 6.03 12.42
N ARG B 114 19.47 5.89 13.75
CA ARG B 114 19.24 4.56 14.36
C ARG B 114 17.75 4.22 14.29
N LEU B 115 17.41 3.09 13.64
CA LEU B 115 16.01 2.67 13.56
C LEU B 115 15.44 2.22 14.93
N ILE B 116 14.27 2.76 15.28
CA ILE B 116 13.59 2.40 16.53
C ILE B 116 12.18 1.85 16.33
N GLY B 117 11.65 1.94 15.14
CA GLY B 117 10.32 1.47 14.86
C GLY B 117 9.83 1.82 13.48
N ALA B 118 8.55 1.56 13.24
CA ALA B 118 7.89 1.86 11.96
C ALA B 118 6.39 2.04 12.17
N ILE B 119 5.83 2.93 11.38
CA ILE B 119 4.38 3.24 11.52
C ILE B 119 3.75 3.39 10.10
N ASN B 120 2.48 3.03 9.94
CA ASN B 120 1.80 3.28 8.69
C ASN B 120 0.43 3.88 8.89
N HIS B 122 -2.51 2.70 8.69
CA HIS B 122 -3.46 1.87 9.47
C HIS B 122 -3.24 1.99 10.97
N ASP B 123 -1.99 2.16 11.39
CA ASP B 123 -1.71 2.32 12.80
C ASP B 123 -2.32 3.60 13.38
N LEU B 124 -2.26 4.65 12.55
CA LEU B 124 -2.74 5.97 12.92
C LEU B 124 -4.29 5.96 12.99
N LEU B 125 -4.93 5.32 12.02
CA LEU B 125 -6.37 5.17 12.04
C LEU B 125 -6.88 4.41 13.27
N ARG B 126 -6.22 3.29 13.56
CA ARG B 126 -6.52 2.47 14.69
C ARG B 126 -6.31 3.22 16.00
N ALA B 127 -5.30 4.07 16.07
CA ALA B 127 -5.08 4.85 17.27
C ALA B 127 -6.01 6.11 17.41
N GLY B 128 -6.99 6.25 16.55
CA GLY B 128 -7.90 7.39 16.66
C GLY B 128 -7.26 8.72 16.33
N VAL B 129 -6.22 8.74 15.52
CA VAL B 129 -5.59 10.03 15.12
C VAL B 129 -6.44 10.83 14.11
N LEU B 130 -7.09 10.10 13.23
CA LEU B 130 -8.12 10.60 12.37
C LEU B 130 -9.19 9.49 12.19
#